data_4J1W
#
_entry.id   4J1W
#
_cell.length_a   111.489
_cell.length_b   111.489
_cell.length_c   151.484
_cell.angle_alpha   90.00
_cell.angle_beta   90.00
_cell.angle_gamma   90.00
#
_symmetry.space_group_name_H-M   'P 42 21 2'
#
loop_
_entity.id
_entity.type
_entity.pdbx_description
1 polymer Epoxidase
2 non-polymer 'FE (II) ION'
3 non-polymer '[(1R)-1-hydroxypropyl]phosphonic acid'
4 non-polymer GLYCEROL
5 water water
#
_entity_poly.entity_id   1
_entity_poly.type   'polypeptide(L)'
_entity_poly.pdbx_seq_one_letter_code
;MSNTKTASTGFAELLKDRREQVKMDHAALASLLGETPETVAAWENGEGGELTLTQLGRIAHVLGTSIGALTPPAGNDLDD
GVIIQMPDERPILKGVRDNVDYYVYNCLVRTKRAPSLVPLVVDVLTDNPDDAKFNSGHAGNEFLFVLEGEIHMKWGDKEN
PKEALLPTGASMFVEEHVPHAFTAAKGTGSAKLIAVNF
;
_entity_poly.pdbx_strand_id   A,B,C
#
loop_
_chem_comp.id
_chem_comp.type
_chem_comp.name
_chem_comp.formula
FE2 non-polymer 'FE (II) ION' 'Fe 2'
FFQ non-polymer '[(1R)-1-hydroxypropyl]phosphonic acid' 'C3 H9 O4 P'
GOL non-polymer GLYCEROL 'C3 H8 O3'
#
# COMPACT_ATOMS: atom_id res chain seq x y z
N LYS A 5 -17.83 -19.62 -3.14
CA LYS A 5 -17.51 -18.72 -4.29
C LYS A 5 -16.03 -18.90 -4.69
N THR A 6 -15.72 -18.62 -5.95
CA THR A 6 -14.35 -18.79 -6.43
C THR A 6 -13.57 -17.51 -6.21
N ALA A 7 -12.25 -17.61 -6.33
CA ALA A 7 -11.41 -16.43 -6.14
C ALA A 7 -11.75 -15.45 -7.25
N SER A 8 -11.93 -15.98 -8.45
CA SER A 8 -12.25 -15.19 -9.64
C SER A 8 -13.54 -14.41 -9.54
N THR A 9 -14.61 -15.09 -9.17
CA THR A 9 -15.92 -14.44 -9.07
C THR A 9 -16.00 -13.48 -7.91
N GLY A 10 -15.40 -13.87 -6.79
CA GLY A 10 -15.40 -13.00 -5.62
C GLY A 10 -14.66 -11.73 -5.95
N PHE A 11 -13.51 -11.89 -6.59
CA PHE A 11 -12.68 -10.75 -6.98
C PHE A 11 -13.45 -9.88 -7.95
N ALA A 12 -14.08 -10.50 -8.93
CA ALA A 12 -14.84 -9.77 -9.92
C ALA A 12 -15.90 -8.86 -9.31
N GLU A 13 -16.63 -9.36 -8.32
CA GLU A 13 -17.69 -8.56 -7.69
C GLU A 13 -17.16 -7.49 -6.75
N LEU A 14 -16.11 -7.82 -6.00
CA LEU A 14 -15.52 -6.90 -5.05
C LEU A 14 -14.72 -5.79 -5.72
N LEU A 15 -14.06 -6.12 -6.84
CA LEU A 15 -13.30 -5.12 -7.58
C LEU A 15 -14.26 -4.06 -8.09
N LYS A 16 -15.36 -4.52 -8.68
CA LYS A 16 -16.39 -3.62 -9.19
C LYS A 16 -16.93 -2.76 -8.05
N ASP A 17 -17.21 -3.39 -6.91
CA ASP A 17 -17.72 -2.64 -5.77
C ASP A 17 -16.75 -1.52 -5.41
N ARG A 18 -15.49 -1.87 -5.19
CA ARG A 18 -14.48 -0.90 -4.82
C ARG A 18 -14.26 0.17 -5.88
N ARG A 19 -14.17 -0.22 -7.15
CA ARG A 19 -13.98 0.76 -8.23
C ARG A 19 -15.09 1.82 -8.17
N GLU A 20 -16.32 1.36 -7.98
CA GLU A 20 -17.46 2.26 -7.90
C GLU A 20 -17.44 3.14 -6.66
N GLN A 21 -16.99 2.63 -5.53
CA GLN A 21 -17.01 3.48 -4.36
C GLN A 21 -15.94 4.58 -4.37
N VAL A 22 -14.91 4.46 -5.22
CA VAL A 22 -13.90 5.52 -5.31
C VAL A 22 -14.15 6.33 -6.59
N LYS A 23 -15.34 6.12 -7.15
CA LYS A 23 -15.82 6.82 -8.33
C LYS A 23 -15.08 6.67 -9.66
N MET A 24 -14.23 5.67 -9.78
CA MET A 24 -13.52 5.45 -11.03
C MET A 24 -14.34 4.62 -12.02
N ASP A 25 -14.07 4.77 -13.31
CA ASP A 25 -14.75 3.96 -14.32
C ASP A 25 -13.64 3.06 -14.89
N HIS A 26 -14.00 2.13 -15.78
CA HIS A 26 -12.99 1.24 -16.33
C HIS A 26 -11.81 2.00 -16.90
N ALA A 27 -12.09 3.11 -17.59
CA ALA A 27 -11.07 3.95 -18.20
C ALA A 27 -10.11 4.51 -17.15
N ALA A 28 -10.68 5.11 -16.12
CA ALA A 28 -9.90 5.72 -15.03
C ALA A 28 -9.00 4.71 -14.36
N LEU A 29 -9.57 3.57 -13.97
CA LEU A 29 -8.79 2.53 -13.32
C LEU A 29 -7.74 1.94 -14.28
N ALA A 30 -8.16 1.61 -15.50
CA ALA A 30 -7.24 1.05 -16.49
C ALA A 30 -6.01 1.95 -16.67
N SER A 31 -6.21 3.26 -16.58
CA SER A 31 -5.13 4.24 -16.74
C SER A 31 -4.09 4.16 -15.62
N LEU A 32 -4.55 4.13 -14.38
CA LEU A 32 -3.64 4.07 -13.25
C LEU A 32 -2.84 2.77 -13.23
N LEU A 33 -3.36 1.74 -13.88
CA LEU A 33 -2.70 0.45 -13.89
C LEU A 33 -1.87 0.19 -15.12
N GLY A 34 -2.09 1.00 -16.17
CA GLY A 34 -1.34 0.79 -17.39
C GLY A 34 -1.92 -0.41 -18.12
N GLU A 35 -3.24 -0.49 -18.13
CA GLU A 35 -3.97 -1.57 -18.77
C GLU A 35 -5.03 -0.95 -19.67
N THR A 36 -5.75 -1.78 -20.41
CA THR A 36 -6.79 -1.26 -21.30
C THR A 36 -8.12 -1.40 -20.59
N PRO A 37 -9.08 -0.50 -20.89
CA PRO A 37 -10.36 -0.63 -20.20
C PRO A 37 -11.05 -1.97 -20.40
N GLU A 38 -10.73 -2.66 -21.50
CA GLU A 38 -11.34 -3.96 -21.76
C GLU A 38 -10.77 -4.99 -20.79
N THR A 39 -9.48 -4.89 -20.51
CA THR A 39 -8.82 -5.78 -19.56
C THR A 39 -9.54 -5.69 -18.23
N VAL A 40 -9.65 -4.47 -17.71
CA VAL A 40 -10.31 -4.27 -16.43
C VAL A 40 -11.73 -4.86 -16.48
N ALA A 41 -12.46 -4.58 -17.56
CA ALA A 41 -13.83 -5.11 -17.68
C ALA A 41 -13.81 -6.64 -17.66
N ALA A 42 -12.74 -7.23 -18.17
CA ALA A 42 -12.61 -8.69 -18.19
C ALA A 42 -12.52 -9.21 -16.76
N TRP A 43 -11.70 -8.55 -15.92
CA TRP A 43 -11.54 -8.94 -14.54
C TRP A 43 -12.90 -8.93 -13.85
N GLU A 44 -13.62 -7.84 -14.05
CA GLU A 44 -14.96 -7.68 -13.46
C GLU A 44 -15.95 -8.68 -14.01
N ASN A 45 -15.52 -9.48 -14.97
CA ASN A 45 -16.38 -10.49 -15.57
C ASN A 45 -15.84 -11.88 -15.24
N GLY A 46 -15.09 -11.99 -14.15
CA GLY A 46 -14.57 -13.28 -13.71
C GLY A 46 -13.32 -13.81 -14.40
N GLU A 47 -12.68 -13.00 -15.24
CA GLU A 47 -11.49 -13.47 -15.94
C GLU A 47 -10.18 -13.08 -15.27
N GLY A 48 -10.21 -12.83 -13.96
CA GLY A 48 -9.00 -12.44 -13.27
C GLY A 48 -8.18 -13.56 -12.65
N GLY A 49 -8.67 -14.79 -12.80
CA GLY A 49 -8.01 -15.96 -12.24
C GLY A 49 -6.50 -16.07 -12.35
N GLU A 50 -5.92 -15.62 -13.46
CA GLU A 50 -4.47 -15.73 -13.62
C GLU A 50 -3.67 -14.52 -13.18
N LEU A 51 -4.32 -13.57 -12.50
CA LEU A 51 -3.61 -12.39 -12.01
C LEU A 51 -2.63 -12.85 -10.92
N THR A 52 -1.41 -12.33 -10.94
CA THR A 52 -0.45 -12.74 -9.94
C THR A 52 -0.61 -11.98 -8.62
N LEU A 53 -0.03 -12.54 -7.56
CA LEU A 53 -0.09 -11.94 -6.24
C LEU A 53 0.41 -10.50 -6.32
N THR A 54 1.51 -10.30 -7.03
CA THR A 54 2.11 -8.97 -7.18
C THR A 54 1.18 -8.01 -7.94
N GLN A 55 0.50 -8.50 -8.97
CA GLN A 55 -0.40 -7.66 -9.73
C GLN A 55 -1.60 -7.30 -8.86
N LEU A 56 -2.07 -8.25 -8.06
CA LEU A 56 -3.19 -8.00 -7.16
C LEU A 56 -2.74 -6.93 -6.17
N GLY A 57 -1.46 -6.95 -5.82
CA GLY A 57 -0.91 -5.96 -4.93
C GLY A 57 -1.04 -4.56 -5.51
N ARG A 58 -0.76 -4.42 -6.81
CA ARG A 58 -0.86 -3.13 -7.49
C ARG A 58 -2.28 -2.64 -7.56
N ILE A 59 -3.19 -3.52 -7.95
CA ILE A 59 -4.60 -3.16 -8.05
C ILE A 59 -5.11 -2.67 -6.71
N ALA A 60 -4.76 -3.37 -5.64
CA ALA A 60 -5.19 -2.96 -4.31
C ALA A 60 -4.65 -1.57 -4.00
N HIS A 61 -3.36 -1.38 -4.26
CA HIS A 61 -2.69 -0.12 -4.01
C HIS A 61 -3.34 1.06 -4.73
N VAL A 62 -3.62 0.88 -6.01
CA VAL A 62 -4.25 1.92 -6.81
C VAL A 62 -5.63 2.24 -6.26
N LEU A 63 -6.31 1.22 -5.76
CA LEU A 63 -7.63 1.41 -5.18
C LEU A 63 -7.52 1.73 -3.69
N GLY A 64 -6.31 2.09 -3.27
CA GLY A 64 -6.06 2.47 -1.88
C GLY A 64 -6.66 1.58 -0.82
N THR A 65 -6.58 0.28 -1.04
CA THR A 65 -7.11 -0.68 -0.08
C THR A 65 -6.21 -1.92 -0.02
N SER A 66 -6.72 -3.01 0.53
CA SER A 66 -5.93 -4.25 0.64
C SER A 66 -6.42 -5.33 -0.32
N ILE A 67 -5.58 -6.34 -0.53
CA ILE A 67 -5.95 -7.45 -1.41
C ILE A 67 -7.12 -8.17 -0.75
N GLY A 68 -7.06 -8.29 0.58
CA GLY A 68 -8.15 -8.95 1.30
C GLY A 68 -9.48 -8.27 1.03
N ALA A 69 -9.49 -6.95 0.98
CA ALA A 69 -10.72 -6.22 0.71
C ALA A 69 -11.29 -6.52 -0.67
N LEU A 70 -10.46 -7.02 -1.57
CA LEU A 70 -10.90 -7.31 -2.94
C LEU A 70 -11.12 -8.79 -3.17
N THR A 71 -10.89 -9.62 -2.15
CA THR A 71 -11.09 -11.06 -2.30
C THR A 71 -12.22 -11.55 -1.39
N PRO A 72 -12.94 -12.60 -1.82
CA PRO A 72 -14.06 -13.16 -1.05
C PRO A 72 -13.66 -13.77 0.29
N PRO A 73 -14.63 -13.92 1.20
CA PRO A 73 -14.37 -14.50 2.52
C PRO A 73 -14.05 -16.00 2.40
N ALA A 74 -13.45 -16.55 3.46
CA ALA A 74 -13.05 -17.96 3.51
C ALA A 74 -13.97 -18.95 2.81
N GLY A 75 -15.28 -18.78 2.96
CA GLY A 75 -16.21 -19.71 2.34
C GLY A 75 -17.01 -20.46 3.37
N ASN A 76 -17.97 -21.28 2.94
CA ASN A 76 -18.78 -21.98 3.91
C ASN A 76 -18.77 -23.49 3.71
N ASP A 77 -18.25 -24.21 4.70
CA ASP A 77 -18.19 -25.67 4.61
C ASP A 77 -19.12 -26.39 5.58
N LEU A 78 -20.12 -25.69 6.07
CA LEU A 78 -21.03 -26.31 7.04
C LEU A 78 -22.17 -27.10 6.40
N ASP A 79 -22.73 -28.00 7.19
CA ASP A 79 -23.85 -28.84 6.77
C ASP A 79 -25.02 -28.39 7.63
N ASP A 80 -25.65 -27.32 7.20
CA ASP A 80 -26.77 -26.74 7.93
C ASP A 80 -26.29 -26.15 9.24
N GLY A 81 -25.15 -25.48 9.18
CA GLY A 81 -24.57 -24.82 10.33
C GLY A 81 -23.68 -25.69 11.21
N VAL A 82 -23.50 -26.94 10.81
CA VAL A 82 -22.70 -27.86 11.60
C VAL A 82 -21.67 -28.59 10.74
N ILE A 83 -20.61 -29.06 11.39
CA ILE A 83 -19.58 -29.83 10.69
C ILE A 83 -19.02 -30.76 11.75
N ILE A 84 -18.92 -32.04 11.40
CA ILE A 84 -18.46 -33.08 12.31
C ILE A 84 -17.18 -33.76 11.87
N GLN A 85 -16.39 -34.22 12.84
CA GLN A 85 -15.16 -34.93 12.55
C GLN A 85 -15.08 -36.21 13.38
N MET A 86 -14.94 -37.35 12.71
CA MET A 86 -14.83 -38.64 13.41
C MET A 86 -13.40 -38.79 13.91
N PRO A 87 -13.22 -39.41 15.08
CA PRO A 87 -11.89 -39.61 15.67
C PRO A 87 -10.78 -40.21 14.83
N ASP A 88 -11.14 -40.89 13.74
CA ASP A 88 -10.12 -41.53 12.91
C ASP A 88 -9.68 -40.70 11.71
N GLU A 89 -10.33 -39.55 11.51
CA GLU A 89 -9.95 -38.69 10.39
C GLU A 89 -9.18 -37.47 10.86
N ARG A 90 -8.70 -37.53 12.09
CA ARG A 90 -7.94 -36.42 12.67
C ARG A 90 -6.52 -36.38 12.12
N PRO A 91 -6.13 -35.26 11.51
CA PRO A 91 -4.75 -35.22 10.99
C PRO A 91 -3.75 -35.22 12.15
N ILE A 92 -2.70 -36.04 12.04
CA ILE A 92 -1.69 -36.14 13.08
C ILE A 92 -0.43 -35.39 12.65
N LEU A 93 0.21 -34.68 13.57
CA LEU A 93 1.41 -33.93 13.24
C LEU A 93 2.39 -33.95 14.40
N LYS A 94 3.52 -34.61 14.22
CA LYS A 94 4.54 -34.70 15.26
C LYS A 94 5.14 -33.33 15.49
N GLY A 95 5.28 -32.95 16.76
CA GLY A 95 5.85 -31.66 17.09
C GLY A 95 7.27 -31.85 17.57
N VAL A 96 8.20 -31.09 16.99
CA VAL A 96 9.60 -31.23 17.38
C VAL A 96 10.25 -29.92 17.81
N ARG A 97 10.81 -29.92 19.02
CA ARG A 97 11.48 -28.76 19.58
C ARG A 97 12.85 -29.21 20.08
N ASP A 98 13.90 -28.70 19.45
CA ASP A 98 15.28 -29.04 19.80
C ASP A 98 15.58 -30.51 19.47
N ASN A 99 15.09 -30.95 18.31
CA ASN A 99 15.28 -32.32 17.82
C ASN A 99 14.70 -33.38 18.75
N VAL A 100 13.58 -33.05 19.38
CA VAL A 100 12.93 -33.97 20.32
C VAL A 100 11.44 -34.07 20.02
N ASP A 101 10.87 -35.24 20.32
CA ASP A 101 9.43 -35.46 20.13
C ASP A 101 8.76 -34.82 21.32
N TYR A 102 8.48 -33.53 21.21
CA TYR A 102 7.87 -32.79 22.30
C TYR A 102 6.37 -33.04 22.41
N TYR A 103 5.66 -32.71 21.35
CA TYR A 103 4.21 -32.86 21.31
C TYR A 103 3.79 -33.76 20.15
N VAL A 104 2.50 -34.11 20.15
CA VAL A 104 1.90 -34.88 19.08
C VAL A 104 0.53 -34.23 18.93
N TYR A 105 0.33 -33.55 17.81
CA TYR A 105 -0.93 -32.86 17.59
C TYR A 105 -1.99 -33.64 16.83
N ASN A 106 -3.10 -33.89 17.48
CA ASN A 106 -4.21 -34.58 16.85
C ASN A 106 -5.21 -33.48 16.59
N CYS A 107 -5.32 -33.06 15.34
CA CYS A 107 -6.21 -31.97 14.96
C CYS A 107 -7.69 -32.29 14.86
N LEU A 108 -8.48 -31.54 15.62
CA LEU A 108 -9.93 -31.72 15.63
C LEU A 108 -10.60 -30.88 14.55
N VAL A 109 -11.92 -30.92 14.52
CA VAL A 109 -12.71 -30.21 13.52
C VAL A 109 -12.38 -28.72 13.37
N ARG A 110 -12.37 -28.25 12.13
CA ARG A 110 -12.12 -26.85 11.78
C ARG A 110 -13.11 -26.41 10.72
N THR A 111 -13.38 -25.12 10.66
CA THR A 111 -14.36 -24.62 9.69
C THR A 111 -13.96 -23.26 9.13
N LYS A 112 -14.27 -23.04 7.86
CA LYS A 112 -13.95 -21.76 7.23
C LYS A 112 -14.84 -20.63 7.71
N ARG A 113 -15.81 -20.95 8.55
CA ARG A 113 -16.72 -19.96 9.10
C ARG A 113 -16.20 -19.40 10.44
N ALA A 114 -15.00 -19.84 10.84
CA ALA A 114 -14.34 -19.45 12.09
C ALA A 114 -12.90 -19.94 11.95
N PRO A 115 -12.15 -19.36 11.01
CA PRO A 115 -10.76 -19.71 10.72
C PRO A 115 -9.81 -19.70 11.91
N SER A 116 -10.10 -18.86 12.89
CA SER A 116 -9.23 -18.76 14.05
C SER A 116 -9.40 -19.91 15.01
N LEU A 117 -10.46 -20.70 14.82
CA LEU A 117 -10.70 -21.84 15.70
C LEU A 117 -9.82 -23.03 15.33
N VAL A 118 -8.85 -23.34 16.18
CA VAL A 118 -7.96 -24.47 15.95
C VAL A 118 -7.90 -25.33 17.21
N PRO A 119 -8.78 -26.33 17.30
CA PRO A 119 -8.84 -27.25 18.46
C PRO A 119 -7.92 -28.47 18.28
N LEU A 120 -7.21 -28.83 19.33
CA LEU A 120 -6.29 -29.95 19.26
C LEU A 120 -6.27 -30.85 20.49
N VAL A 121 -5.96 -32.13 20.29
CA VAL A 121 -5.78 -33.03 21.41
C VAL A 121 -4.27 -33.14 21.33
N VAL A 122 -3.58 -32.75 22.39
CA VAL A 122 -2.12 -32.79 22.35
C VAL A 122 -1.48 -33.81 23.28
N ASP A 123 -0.72 -34.73 22.71
CA ASP A 123 -0.02 -35.70 23.52
C ASP A 123 1.26 -35.01 23.96
N VAL A 124 1.46 -34.91 25.28
CA VAL A 124 2.66 -34.30 25.83
C VAL A 124 3.61 -35.46 26.13
N LEU A 125 4.62 -35.60 25.27
CA LEU A 125 5.59 -36.68 25.36
C LEU A 125 6.66 -36.62 26.45
N THR A 126 7.29 -35.47 26.65
CA THR A 126 8.33 -35.37 27.67
C THR A 126 7.76 -35.18 29.06
N ASP A 127 8.52 -35.58 30.08
CA ASP A 127 8.08 -35.46 31.46
C ASP A 127 9.18 -34.91 32.35
N ASN A 128 10.02 -34.05 31.77
CA ASN A 128 11.09 -33.41 32.52
C ASN A 128 10.93 -31.90 32.39
N PRO A 129 10.31 -31.27 33.39
CA PRO A 129 10.08 -29.83 33.40
C PRO A 129 11.32 -29.00 33.09
N ASP A 130 12.45 -29.40 33.66
CA ASP A 130 13.72 -28.72 33.45
C ASP A 130 14.10 -28.63 31.99
N ASP A 131 13.46 -29.45 31.15
CA ASP A 131 13.74 -29.44 29.73
C ASP A 131 12.56 -28.91 28.92
N ALA A 132 11.74 -28.09 29.58
CA ALA A 132 10.57 -27.51 28.92
C ALA A 132 11.01 -26.63 27.77
N LYS A 133 10.32 -26.75 26.64
CA LYS A 133 10.64 -25.96 25.45
C LYS A 133 9.53 -24.94 25.18
N PHE A 134 9.85 -23.66 25.34
CA PHE A 134 8.89 -22.58 25.14
C PHE A 134 8.62 -22.18 23.70
N ASN A 135 7.38 -21.80 23.43
CA ASN A 135 7.03 -21.29 22.12
C ASN A 135 7.19 -19.80 22.45
N SER A 136 7.14 -18.92 21.46
CA SER A 136 7.31 -17.50 21.73
C SER A 136 6.00 -16.76 21.86
N GLY A 137 4.96 -17.45 22.31
CA GLY A 137 3.66 -16.82 22.43
C GLY A 137 3.08 -16.74 21.03
N HIS A 138 1.76 -16.69 20.91
CA HIS A 138 1.13 -16.62 19.61
C HIS A 138 -0.17 -15.83 19.61
N ALA A 139 -0.59 -15.42 18.42
CA ALA A 139 -1.82 -14.67 18.27
C ALA A 139 -3.01 -15.53 18.67
N GLY A 140 -4.04 -14.88 19.19
CA GLY A 140 -5.23 -15.60 19.61
C GLY A 140 -5.12 -16.19 21.01
N ASN A 141 -6.23 -16.17 21.74
CA ASN A 141 -6.26 -16.72 23.07
C ASN A 141 -6.34 -18.24 22.94
N GLU A 142 -6.06 -18.95 24.03
CA GLU A 142 -6.10 -20.39 24.00
C GLU A 142 -6.69 -20.97 25.28
N PHE A 143 -7.59 -21.93 25.09
CA PHE A 143 -8.23 -22.60 26.21
C PHE A 143 -7.62 -24.01 26.32
N LEU A 144 -7.25 -24.42 27.53
CA LEU A 144 -6.66 -25.74 27.75
C LEU A 144 -7.46 -26.53 28.77
N PHE A 145 -7.42 -27.85 28.64
CA PHE A 145 -8.11 -28.75 29.56
C PHE A 145 -7.23 -29.99 29.65
N VAL A 146 -6.86 -30.37 30.86
CA VAL A 146 -6.02 -31.55 31.03
C VAL A 146 -6.88 -32.80 30.88
N LEU A 147 -6.64 -33.57 29.82
CA LEU A 147 -7.40 -34.80 29.59
C LEU A 147 -6.90 -35.99 30.38
N GLU A 148 -5.58 -36.14 30.45
CA GLU A 148 -5.02 -37.25 31.20
C GLU A 148 -3.72 -36.86 31.88
N GLY A 149 -3.46 -37.52 33.00
CA GLY A 149 -2.26 -37.28 33.76
C GLY A 149 -2.12 -35.92 34.41
N GLU A 150 -0.88 -35.53 34.65
CA GLU A 150 -0.57 -34.23 35.25
C GLU A 150 0.33 -33.44 34.33
N ILE A 151 0.01 -32.17 34.18
CA ILE A 151 0.78 -31.31 33.32
C ILE A 151 1.57 -30.32 34.17
N HIS A 152 2.79 -30.03 33.75
CA HIS A 152 3.60 -29.05 34.44
C HIS A 152 3.57 -27.88 33.46
N MET A 153 2.85 -26.82 33.81
CA MET A 153 2.73 -25.67 32.92
C MET A 153 3.71 -24.55 33.24
N LYS A 154 4.21 -23.91 32.19
CA LYS A 154 5.13 -22.79 32.33
C LYS A 154 4.76 -21.67 31.37
N TRP A 155 4.78 -20.44 31.85
CA TRP A 155 4.43 -19.31 31.01
C TRP A 155 5.18 -18.06 31.43
N GLY A 156 5.17 -17.05 30.56
CA GLY A 156 5.85 -15.80 30.87
C GLY A 156 7.26 -15.74 30.33
N ASP A 157 8.18 -15.18 31.11
CA ASP A 157 9.57 -15.06 30.71
C ASP A 157 10.20 -16.44 30.70
N LYS A 158 10.75 -16.86 29.57
CA LYS A 158 11.34 -18.19 29.51
C LYS A 158 12.58 -18.30 30.41
N GLU A 159 13.14 -17.16 30.82
CA GLU A 159 14.32 -17.14 31.69
C GLU A 159 13.92 -17.35 33.15
N ASN A 160 12.84 -16.69 33.55
CA ASN A 160 12.30 -16.80 34.91
C ASN A 160 10.78 -16.82 34.75
N PRO A 161 10.21 -18.02 34.54
CA PRO A 161 8.77 -18.19 34.36
C PRO A 161 7.96 -18.58 35.59
N LYS A 162 6.65 -18.48 35.43
CA LYS A 162 5.74 -18.89 36.50
C LYS A 162 5.41 -20.33 36.16
N GLU A 163 5.02 -21.11 37.16
CA GLU A 163 4.71 -22.51 36.93
C GLU A 163 3.44 -22.96 37.62
N ALA A 164 2.93 -24.10 37.18
CA ALA A 164 1.73 -24.65 37.77
C ALA A 164 1.67 -26.13 37.47
N LEU A 165 1.35 -26.91 38.50
CA LEU A 165 1.22 -28.35 38.38
C LEU A 165 -0.29 -28.52 38.24
N LEU A 166 -0.73 -29.01 37.09
CA LEU A 166 -2.16 -29.17 36.82
C LEU A 166 -2.68 -30.60 36.81
N PRO A 167 -3.61 -30.91 37.71
CA PRO A 167 -4.17 -32.27 37.77
C PRO A 167 -5.17 -32.53 36.65
N THR A 168 -5.46 -33.80 36.40
CA THR A 168 -6.42 -34.14 35.37
C THR A 168 -7.71 -33.41 35.66
N GLY A 169 -8.31 -32.81 34.64
CA GLY A 169 -9.56 -32.12 34.85
C GLY A 169 -9.40 -30.63 35.04
N ALA A 170 -8.16 -30.17 35.20
CA ALA A 170 -7.92 -28.74 35.37
C ALA A 170 -8.18 -28.06 34.02
N SER A 171 -8.45 -26.76 34.05
CA SER A 171 -8.68 -26.00 32.82
C SER A 171 -7.96 -24.67 32.97
N MET A 172 -7.42 -24.16 31.87
CA MET A 172 -6.71 -22.88 31.92
C MET A 172 -6.91 -22.02 30.69
N PHE A 173 -6.52 -20.76 30.81
CA PHE A 173 -6.64 -19.80 29.72
C PHE A 173 -5.31 -19.05 29.59
N VAL A 174 -4.83 -18.94 28.36
CA VAL A 174 -3.59 -18.25 28.09
C VAL A 174 -3.89 -17.16 27.09
N GLU A 175 -3.71 -15.91 27.50
CA GLU A 175 -3.96 -14.77 26.61
C GLU A 175 -2.97 -14.80 25.44
N GLU A 176 -3.33 -14.14 24.35
CA GLU A 176 -2.44 -14.12 23.19
C GLU A 176 -1.10 -13.47 23.46
N HIS A 177 -0.07 -13.98 22.79
CA HIS A 177 1.29 -13.47 22.90
C HIS A 177 1.95 -13.79 24.23
N VAL A 178 1.29 -14.57 25.08
CA VAL A 178 1.93 -15.00 26.32
C VAL A 178 2.68 -16.30 26.00
N PRO A 179 4.01 -16.28 26.14
CA PRO A 179 4.77 -17.50 25.85
C PRO A 179 4.51 -18.56 26.92
N HIS A 180 4.36 -19.81 26.49
CA HIS A 180 4.06 -20.91 27.40
C HIS A 180 4.74 -22.20 26.99
N ALA A 181 4.78 -23.16 27.91
CA ALA A 181 5.39 -24.45 27.64
C ALA A 181 4.81 -25.51 28.57
N PHE A 182 4.70 -26.74 28.07
CA PHE A 182 4.16 -27.84 28.88
C PHE A 182 5.00 -29.11 28.78
N THR A 183 4.92 -29.92 29.82
CA THR A 183 5.58 -31.23 29.87
C THR A 183 4.69 -31.97 30.84
N ALA A 184 4.86 -33.29 30.92
CA ALA A 184 4.06 -34.05 31.87
C ALA A 184 4.74 -33.80 33.21
N ALA A 185 4.02 -34.06 34.31
CA ALA A 185 4.60 -33.85 35.62
C ALA A 185 5.91 -34.65 35.73
N LYS A 186 6.88 -34.12 36.47
CA LYS A 186 8.18 -34.75 36.67
C LYS A 186 8.12 -36.28 36.85
N GLY A 187 8.72 -36.99 35.90
CA GLY A 187 8.75 -38.44 35.98
C GLY A 187 7.49 -39.25 35.73
N THR A 188 6.35 -38.58 35.56
CA THR A 188 5.09 -39.30 35.33
C THR A 188 4.93 -39.82 33.90
N GLY A 189 6.01 -39.74 33.12
CA GLY A 189 5.98 -40.23 31.76
C GLY A 189 5.35 -39.35 30.71
N SER A 190 4.02 -39.31 30.66
CA SER A 190 3.35 -38.49 29.68
C SER A 190 1.99 -38.01 30.16
N ALA A 191 1.45 -37.02 29.45
CA ALA A 191 0.16 -36.45 29.78
C ALA A 191 -0.54 -36.06 28.49
N LYS A 192 -1.80 -35.71 28.59
CA LYS A 192 -2.56 -35.36 27.40
C LYS A 192 -3.55 -34.23 27.69
N LEU A 193 -3.61 -33.26 26.79
CA LEU A 193 -4.54 -32.18 27.02
C LEU A 193 -5.26 -31.71 25.76
N ILE A 194 -6.35 -30.98 25.95
CA ILE A 194 -7.13 -30.45 24.83
C ILE A 194 -6.78 -28.97 24.78
N ALA A 195 -6.40 -28.51 23.59
CA ALA A 195 -6.03 -27.12 23.43
C ALA A 195 -6.92 -26.51 22.37
N VAL A 196 -7.63 -25.47 22.74
CA VAL A 196 -8.51 -24.81 21.78
C VAL A 196 -8.09 -23.37 21.55
N ASN A 197 -7.54 -23.10 20.36
CA ASN A 197 -7.14 -21.74 20.00
C ASN A 197 -8.32 -21.12 19.29
N PHE A 198 -8.67 -19.91 19.66
CA PHE A 198 -9.82 -19.27 19.03
C PHE A 198 -9.58 -17.77 18.88
N LYS B 5 6.13 -2.87 2.53
CA LYS B 5 5.72 -4.29 2.34
C LYS B 5 5.20 -4.61 0.94
N THR B 6 5.46 -5.83 0.50
CA THR B 6 5.04 -6.28 -0.82
C THR B 6 4.03 -7.41 -0.66
N ALA B 7 3.36 -7.77 -1.76
CA ALA B 7 2.39 -8.84 -1.72
C ALA B 7 3.14 -10.12 -1.39
N SER B 8 4.31 -10.27 -2.01
CA SER B 8 5.16 -11.44 -1.84
C SER B 8 5.63 -11.67 -0.43
N THR B 9 6.19 -10.64 0.18
CA THR B 9 6.71 -10.76 1.54
C THR B 9 5.61 -10.90 2.57
N GLY B 10 4.52 -10.17 2.37
CA GLY B 10 3.41 -10.25 3.29
C GLY B 10 2.83 -11.65 3.25
N PHE B 11 2.68 -12.17 2.04
CA PHE B 11 2.15 -13.52 1.85
C PHE B 11 3.09 -14.52 2.49
N ALA B 12 4.38 -14.35 2.26
CA ALA B 12 5.37 -15.27 2.80
C ALA B 12 5.28 -15.39 4.32
N GLU B 13 5.12 -14.27 5.01
CA GLU B 13 5.04 -14.29 6.47
C GLU B 13 3.71 -14.81 7.01
N LEU B 14 2.62 -14.44 6.35
CA LEU B 14 1.29 -14.85 6.76
C LEU B 14 1.01 -16.31 6.45
N LEU B 15 1.56 -16.81 5.34
CA LEU B 15 1.37 -18.21 4.98
C LEU B 15 2.03 -19.07 6.05
N LYS B 16 3.25 -18.71 6.41
CA LYS B 16 3.99 -19.43 7.44
C LYS B 16 3.21 -19.37 8.75
N ASP B 17 2.71 -18.19 9.10
CA ASP B 17 1.94 -18.05 10.33
C ASP B 17 0.77 -19.03 10.33
N ARG B 18 -0.03 -18.99 9.27
CA ARG B 18 -1.19 -19.85 9.17
C ARG B 18 -0.83 -21.33 9.14
N ARG B 19 0.17 -21.70 8.35
CA ARG B 19 0.58 -23.11 8.27
C ARG B 19 0.91 -23.64 9.67
N GLU B 20 1.63 -22.84 10.44
CA GLU B 20 1.99 -23.21 11.80
C GLU B 20 0.80 -23.27 12.75
N GLN B 21 -0.18 -22.39 12.60
CA GLN B 21 -1.29 -22.46 13.53
C GLN B 21 -2.24 -23.65 13.28
N VAL B 22 -2.16 -24.28 12.10
CA VAL B 22 -3.00 -25.46 11.85
C VAL B 22 -2.12 -26.71 11.94
N LYS B 23 -0.94 -26.51 12.51
CA LYS B 23 0.04 -27.55 12.75
C LYS B 23 0.63 -28.32 11.58
N MET B 24 0.50 -27.81 10.36
CA MET B 24 1.09 -28.50 9.21
C MET B 24 2.55 -28.11 9.02
N ASP B 25 3.32 -28.97 8.36
CA ASP B 25 4.71 -28.67 8.05
C ASP B 25 4.74 -28.56 6.52
N HIS B 26 5.88 -28.17 5.95
CA HIS B 26 5.96 -28.02 4.50
C HIS B 26 5.46 -29.25 3.76
N ALA B 27 5.83 -30.42 4.28
CA ALA B 27 5.44 -31.70 3.69
C ALA B 27 3.92 -31.87 3.69
N ALA B 28 3.30 -31.66 4.85
CA ALA B 28 1.86 -31.80 5.00
C ALA B 28 1.11 -30.87 4.07
N LEU B 29 1.49 -29.59 4.07
CA LEU B 29 0.82 -28.62 3.21
C LEU B 29 1.08 -28.93 1.73
N ALA B 30 2.34 -29.19 1.39
CA ALA B 30 2.69 -29.51 0.00
C ALA B 30 1.84 -30.66 -0.54
N SER B 31 1.52 -31.62 0.33
CA SER B 31 0.72 -32.79 -0.05
C SER B 31 -0.72 -32.42 -0.42
N LEU B 32 -1.36 -31.63 0.42
CA LEU B 32 -2.74 -31.24 0.15
C LEU B 32 -2.86 -30.39 -1.11
N LEU B 33 -1.76 -29.76 -1.51
CA LEU B 33 -1.80 -28.90 -2.68
C LEU B 33 -1.29 -29.57 -3.95
N GLY B 34 -0.61 -30.71 -3.79
CA GLY B 34 -0.07 -31.38 -4.95
C GLY B 34 1.15 -30.62 -5.43
N GLU B 35 1.99 -30.21 -4.47
CA GLU B 35 3.21 -29.48 -4.74
C GLU B 35 4.33 -30.17 -3.98
N THR B 36 5.55 -29.68 -4.16
CA THR B 36 6.69 -30.27 -3.47
C THR B 36 6.98 -29.43 -2.25
N PRO B 37 7.53 -30.05 -1.19
CA PRO B 37 7.81 -29.24 0.00
C PRO B 37 8.76 -28.07 -0.27
N GLU B 38 9.59 -28.18 -1.30
CA GLU B 38 10.52 -27.10 -1.63
C GLU B 38 9.75 -25.91 -2.19
N THR B 39 8.73 -26.21 -3.00
CA THR B 39 7.89 -25.17 -3.59
C THR B 39 7.29 -24.35 -2.45
N VAL B 40 6.62 -25.03 -1.52
CA VAL B 40 6.00 -24.34 -0.40
C VAL B 40 7.04 -23.51 0.34
N ALA B 41 8.21 -24.09 0.60
CA ALA B 41 9.25 -23.36 1.31
C ALA B 41 9.66 -22.11 0.52
N ALA B 42 9.57 -22.21 -0.81
CA ALA B 42 9.93 -21.07 -1.66
C ALA B 42 8.95 -19.91 -1.42
N TRP B 43 7.66 -20.24 -1.37
CA TRP B 43 6.63 -19.24 -1.13
C TRP B 43 6.93 -18.53 0.18
N GLU B 44 7.20 -19.32 1.22
CA GLU B 44 7.50 -18.77 2.53
C GLU B 44 8.80 -17.98 2.55
N ASN B 45 9.48 -17.96 1.42
CA ASN B 45 10.73 -17.22 1.32
C ASN B 45 10.57 -16.07 0.32
N GLY B 46 9.33 -15.61 0.14
CA GLY B 46 9.06 -14.50 -0.75
C GLY B 46 8.98 -14.76 -2.24
N GLU B 47 8.99 -16.02 -2.64
CA GLU B 47 8.94 -16.34 -4.07
C GLU B 47 7.55 -16.66 -4.59
N GLY B 48 6.52 -16.17 -3.91
CA GLY B 48 5.16 -16.45 -4.34
C GLY B 48 4.54 -15.45 -5.29
N GLY B 49 5.29 -14.39 -5.61
CA GLY B 49 4.81 -13.34 -6.49
C GLY B 49 4.01 -13.73 -7.73
N GLU B 50 4.38 -14.82 -8.38
CA GLU B 50 3.67 -15.22 -9.59
C GLU B 50 2.51 -16.18 -9.40
N LEU B 51 2.12 -16.41 -8.15
CA LEU B 51 0.99 -17.30 -7.89
C LEU B 51 -0.28 -16.63 -8.41
N THR B 52 -1.13 -17.38 -9.08
CA THR B 52 -2.35 -16.80 -9.62
C THR B 52 -3.46 -16.68 -8.58
N LEU B 53 -4.44 -15.83 -8.87
CA LEU B 53 -5.56 -15.63 -7.98
C LEU B 53 -6.21 -16.96 -7.64
N THR B 54 -6.39 -17.79 -8.65
CA THR B 54 -7.01 -19.09 -8.48
C THR B 54 -6.16 -20.02 -7.59
N GLN B 55 -4.84 -19.97 -7.75
CA GLN B 55 -3.96 -20.79 -6.95
C GLN B 55 -4.03 -20.32 -5.51
N LEU B 56 -4.07 -19.00 -5.32
CA LEU B 56 -4.15 -18.42 -3.98
C LEU B 56 -5.46 -18.91 -3.37
N GLY B 57 -6.48 -19.07 -4.21
CA GLY B 57 -7.76 -19.54 -3.74
C GLY B 57 -7.64 -20.93 -3.15
N ARG B 58 -6.88 -21.80 -3.82
CA ARG B 58 -6.69 -23.17 -3.35
C ARG B 58 -5.92 -23.22 -2.04
N ILE B 59 -4.83 -22.46 -1.97
CA ILE B 59 -4.01 -22.42 -0.77
C ILE B 59 -4.87 -21.97 0.42
N ALA B 60 -5.67 -20.94 0.21
CA ALA B 60 -6.52 -20.46 1.29
C ALA B 60 -7.47 -21.57 1.73
N HIS B 61 -8.10 -22.21 0.74
CA HIS B 61 -9.05 -23.29 0.99
C HIS B 61 -8.46 -24.44 1.80
N VAL B 62 -7.29 -24.89 1.40
CA VAL B 62 -6.60 -25.97 2.09
C VAL B 62 -6.31 -25.55 3.53
N LEU B 63 -5.98 -24.28 3.72
CA LEU B 63 -5.68 -23.78 5.04
C LEU B 63 -6.94 -23.29 5.73
N GLY B 64 -8.09 -23.69 5.18
CA GLY B 64 -9.38 -23.34 5.72
C GLY B 64 -9.57 -21.91 6.15
N THR B 65 -9.10 -20.98 5.32
CA THR B 65 -9.21 -19.57 5.63
C THR B 65 -9.43 -18.79 4.33
N SER B 66 -9.25 -17.47 4.37
CA SER B 66 -9.45 -16.64 3.18
C SER B 66 -8.12 -16.12 2.61
N ILE B 67 -8.18 -15.65 1.36
CA ILE B 67 -6.99 -15.11 0.72
C ILE B 67 -6.57 -13.87 1.50
N GLY B 68 -7.56 -13.09 1.94
CA GLY B 68 -7.29 -11.90 2.70
C GLY B 68 -6.47 -12.21 3.94
N ALA B 69 -6.81 -13.30 4.61
CA ALA B 69 -6.09 -13.70 5.82
C ALA B 69 -4.62 -14.02 5.54
N LEU B 70 -4.29 -14.33 4.28
CA LEU B 70 -2.92 -14.68 3.92
C LEU B 70 -2.18 -13.54 3.21
N THR B 71 -2.85 -12.40 3.03
CA THR B 71 -2.22 -11.26 2.38
C THR B 71 -2.09 -10.08 3.35
N PRO B 72 -1.04 -9.26 3.18
CA PRO B 72 -0.80 -8.10 4.04
C PRO B 72 -1.87 -7.02 3.96
N PRO B 73 -1.93 -6.16 5.00
CA PRO B 73 -2.92 -5.07 5.02
C PRO B 73 -2.59 -4.01 3.96
N ALA B 74 -3.58 -3.16 3.66
CA ALA B 74 -3.45 -2.12 2.64
C ALA B 74 -2.09 -1.42 2.54
N GLY B 75 -1.48 -1.12 3.68
CA GLY B 75 -0.18 -0.46 3.64
C GLY B 75 -0.28 0.90 4.29
N ASN B 76 0.85 1.60 4.42
CA ASN B 76 0.82 2.91 5.05
C ASN B 76 1.39 4.01 4.18
N ASP B 77 0.55 4.98 3.81
CA ASP B 77 0.99 6.08 2.98
C ASP B 77 1.01 7.43 3.69
N LEU B 78 1.05 7.40 5.02
CA LEU B 78 1.05 8.64 5.77
C LEU B 78 2.42 9.25 5.98
N ASP B 79 2.43 10.56 6.24
CA ASP B 79 3.65 11.32 6.48
C ASP B 79 3.57 11.74 7.95
N ASP B 80 3.97 10.81 8.81
CA ASP B 80 3.91 11.03 10.25
C ASP B 80 2.48 11.11 10.72
N GLY B 81 1.65 10.22 10.18
CA GLY B 81 0.25 10.13 10.53
C GLY B 81 -0.68 11.06 9.77
N VAL B 82 -0.14 11.81 8.84
CA VAL B 82 -0.94 12.75 8.07
C VAL B 82 -0.71 12.61 6.57
N ILE B 83 -1.67 13.04 5.78
CA ILE B 83 -1.57 13.02 4.33
C ILE B 83 -2.43 14.16 3.85
N ILE B 84 -1.85 14.98 2.98
CA ILE B 84 -2.52 16.18 2.46
C ILE B 84 -2.75 16.14 0.96
N GLN B 85 -3.82 16.81 0.52
CA GLN B 85 -4.15 16.89 -0.89
C GLN B 85 -4.46 18.34 -1.28
N MET B 86 -3.71 18.87 -2.24
CA MET B 86 -3.93 20.24 -2.71
C MET B 86 -5.11 20.23 -3.67
N PRO B 87 -5.91 21.30 -3.65
CA PRO B 87 -7.10 21.41 -4.52
C PRO B 87 -6.95 21.16 -6.02
N ASP B 88 -5.74 21.23 -6.53
CA ASP B 88 -5.52 21.04 -7.96
C ASP B 88 -5.13 19.61 -8.34
N GLU B 89 -4.92 18.76 -7.35
CA GLU B 89 -4.55 17.38 -7.64
C GLU B 89 -5.71 16.43 -7.40
N ARG B 90 -6.91 16.98 -7.29
CA ARG B 90 -8.10 16.18 -7.06
C ARG B 90 -8.55 15.48 -8.35
N PRO B 91 -8.64 14.15 -8.31
CA PRO B 91 -9.10 13.47 -9.52
C PRO B 91 -10.56 13.80 -9.82
N ILE B 92 -10.87 14.13 -11.07
CA ILE B 92 -12.23 14.47 -11.47
C ILE B 92 -12.87 13.30 -12.22
N LEU B 93 -14.14 13.04 -11.95
CA LEU B 93 -14.82 11.92 -12.60
C LEU B 93 -16.27 12.29 -12.88
N LYS B 94 -16.62 12.40 -14.16
CA LYS B 94 -17.98 12.75 -14.55
C LYS B 94 -18.90 11.60 -14.21
N GLY B 95 -20.05 11.93 -13.61
CA GLY B 95 -21.00 10.89 -13.24
C GLY B 95 -22.15 10.90 -14.22
N VAL B 96 -22.49 9.74 -14.76
CA VAL B 96 -23.57 9.67 -15.72
C VAL B 96 -24.65 8.66 -15.38
N ARG B 97 -25.89 9.15 -15.30
CA ARG B 97 -27.05 8.32 -15.00
C ARG B 97 -28.12 8.58 -16.05
N ASP B 98 -28.42 7.54 -16.84
CA ASP B 98 -29.40 7.62 -17.92
C ASP B 98 -28.92 8.55 -19.04
N ASN B 99 -27.63 8.43 -19.35
CA ASN B 99 -26.99 9.23 -20.40
C ASN B 99 -27.03 10.73 -20.14
N VAL B 100 -26.94 11.11 -18.87
CA VAL B 100 -26.99 12.51 -18.48
C VAL B 100 -25.84 12.85 -17.53
N ASP B 101 -25.38 14.10 -17.57
CA ASP B 101 -24.33 14.57 -16.68
C ASP B 101 -25.02 14.86 -15.35
N TYR B 102 -25.14 13.84 -14.53
CA TYR B 102 -25.81 13.98 -13.25
C TYR B 102 -24.92 14.66 -12.20
N TYR B 103 -23.79 14.02 -11.91
CA TYR B 103 -22.85 14.53 -10.92
C TYR B 103 -21.48 14.75 -11.53
N VAL B 104 -20.60 15.37 -10.75
CA VAL B 104 -19.22 15.62 -11.12
C VAL B 104 -18.48 15.38 -9.81
N TYR B 105 -17.71 14.30 -9.75
CA TYR B 105 -16.99 13.97 -8.53
C TYR B 105 -15.57 14.49 -8.46
N ASN B 106 -15.32 15.34 -7.47
CA ASN B 106 -14.00 15.87 -7.25
C ASN B 106 -13.51 15.12 -6.02
N CYS B 107 -12.63 14.15 -6.23
CA CYS B 107 -12.13 13.32 -5.15
C CYS B 107 -11.08 13.94 -4.23
N LEU B 108 -11.39 13.93 -2.94
CA LEU B 108 -10.48 14.48 -1.95
C LEU B 108 -9.51 13.42 -1.43
N VAL B 109 -8.69 13.80 -0.46
CA VAL B 109 -7.68 12.92 0.10
C VAL B 109 -8.18 11.54 0.55
N ARG B 110 -7.39 10.52 0.28
CA ARG B 110 -7.69 9.14 0.68
C ARG B 110 -6.41 8.50 1.23
N THR B 111 -6.57 7.50 2.08
CA THR B 111 -5.42 6.86 2.68
C THR B 111 -5.61 5.36 2.86
N LYS B 112 -4.54 4.60 2.69
CA LYS B 112 -4.63 3.15 2.84
C LYS B 112 -4.78 2.73 4.30
N ARG B 113 -4.74 3.69 5.21
CA ARG B 113 -4.89 3.43 6.64
C ARG B 113 -6.36 3.54 7.07
N ALA B 114 -7.24 3.78 6.10
CA ALA B 114 -8.69 3.92 6.30
C ALA B 114 -9.32 3.86 4.90
N PRO B 115 -9.22 2.69 4.27
CA PRO B 115 -9.73 2.44 2.92
C PRO B 115 -11.18 2.80 2.69
N SER B 116 -11.99 2.71 3.74
CA SER B 116 -13.41 3.00 3.60
C SER B 116 -13.70 4.49 3.51
N LEU B 117 -12.71 5.32 3.84
CA LEU B 117 -12.89 6.76 3.78
C LEU B 117 -12.80 7.29 2.34
N VAL B 118 -13.94 7.71 1.80
CA VAL B 118 -13.97 8.26 0.44
C VAL B 118 -14.71 9.60 0.46
N PRO B 119 -13.96 10.71 0.65
CA PRO B 119 -14.52 12.06 0.68
C PRO B 119 -14.58 12.70 -0.71
N LEU B 120 -15.70 13.35 -1.01
CA LEU B 120 -15.89 13.97 -2.31
C LEU B 120 -16.56 15.32 -2.30
N VAL B 121 -16.22 16.16 -3.27
CA VAL B 121 -16.93 17.43 -3.42
C VAL B 121 -17.73 17.06 -4.65
N VAL B 122 -19.05 17.11 -4.54
CA VAL B 122 -19.88 16.73 -5.68
C VAL B 122 -20.67 17.86 -6.31
N ASP B 123 -20.43 18.10 -7.59
CA ASP B 123 -21.18 19.13 -8.30
C ASP B 123 -22.48 18.46 -8.74
N VAL B 124 -23.60 19.00 -8.31
CA VAL B 124 -24.90 18.47 -8.67
C VAL B 124 -25.36 19.30 -9.87
N LEU B 125 -25.29 18.69 -11.04
CA LEU B 125 -25.63 19.35 -12.31
C LEU B 125 -27.10 19.58 -12.65
N THR B 126 -27.95 18.58 -12.44
CA THR B 126 -29.37 18.74 -12.77
C THR B 126 -30.13 19.49 -11.67
N ASP B 127 -31.22 20.12 -12.04
CA ASP B 127 -32.04 20.86 -11.09
C ASP B 127 -33.52 20.59 -11.28
N ASN B 128 -33.83 19.37 -11.70
CA ASN B 128 -35.21 18.95 -11.88
C ASN B 128 -35.44 17.71 -11.03
N PRO B 129 -36.01 17.89 -9.83
CA PRO B 129 -36.28 16.79 -8.90
C PRO B 129 -37.02 15.62 -9.55
N ASP B 130 -38.01 15.94 -10.38
CA ASP B 130 -38.81 14.93 -11.07
C ASP B 130 -37.96 13.98 -11.89
N ASP B 131 -36.72 14.38 -12.17
CA ASP B 131 -35.82 13.55 -12.97
C ASP B 131 -34.67 13.03 -12.12
N ALA B 132 -34.90 12.94 -10.81
CA ALA B 132 -33.88 12.44 -9.89
C ALA B 132 -33.52 11.00 -10.23
N LYS B 133 -32.24 10.70 -10.22
CA LYS B 133 -31.76 9.35 -10.54
C LYS B 133 -31.18 8.69 -9.28
N PHE B 134 -31.85 7.65 -8.81
CA PHE B 134 -31.45 6.93 -7.60
C PHE B 134 -30.32 5.94 -7.77
N ASN B 135 -29.49 5.83 -6.74
CA ASN B 135 -28.44 4.82 -6.74
C ASN B 135 -29.20 3.75 -5.97
N SER B 136 -28.68 2.54 -5.88
CA SER B 136 -29.40 1.48 -5.17
C SER B 136 -28.93 1.31 -3.72
N GLY B 137 -28.44 2.40 -3.12
CA GLY B 137 -27.94 2.30 -1.76
C GLY B 137 -26.56 1.66 -1.84
N HIS B 138 -25.70 1.93 -0.86
CA HIS B 138 -24.36 1.35 -0.89
C HIS B 138 -23.82 1.08 0.50
N ALA B 139 -22.78 0.25 0.55
CA ALA B 139 -22.15 -0.11 1.81
C ALA B 139 -21.51 1.12 2.42
N GLY B 140 -21.47 1.15 3.75
CA GLY B 140 -20.86 2.27 4.44
C GLY B 140 -21.81 3.44 4.63
N ASN B 141 -21.71 4.11 5.76
CA ASN B 141 -22.53 5.28 6.04
C ASN B 141 -21.96 6.44 5.27
N GLU B 142 -22.74 7.51 5.13
CA GLU B 142 -22.29 8.67 4.40
C GLU B 142 -22.73 9.97 5.05
N PHE B 143 -21.80 10.90 5.16
CA PHE B 143 -22.06 12.20 5.74
C PHE B 143 -22.08 13.22 4.61
N LEU B 144 -23.09 14.08 4.60
CA LEU B 144 -23.22 15.10 3.56
C LEU B 144 -23.30 16.49 4.17
N PHE B 145 -22.85 17.48 3.41
CA PHE B 145 -22.87 18.87 3.83
C PHE B 145 -23.11 19.67 2.57
N VAL B 146 -24.13 20.53 2.58
CA VAL B 146 -24.42 21.34 1.41
C VAL B 146 -23.45 22.50 1.35
N LEU B 147 -22.58 22.52 0.34
CA LEU B 147 -21.59 23.59 0.19
C LEU B 147 -22.14 24.83 -0.49
N GLU B 148 -22.93 24.65 -1.54
CA GLU B 148 -23.48 25.79 -2.25
C GLU B 148 -24.86 25.47 -2.78
N GLY B 149 -25.72 26.49 -2.80
CA GLY B 149 -27.08 26.36 -3.29
C GLY B 149 -28.03 25.56 -2.44
N GLU B 150 -29.08 25.03 -3.08
CA GLU B 150 -30.08 24.22 -2.40
C GLU B 150 -30.14 22.86 -3.04
N ILE B 151 -30.20 21.84 -2.21
CA ILE B 151 -30.27 20.48 -2.69
C ILE B 151 -31.65 19.92 -2.42
N HIS B 152 -32.16 19.14 -3.37
CA HIS B 152 -33.43 18.47 -3.20
C HIS B 152 -33.00 17.02 -2.97
N MET B 153 -33.14 16.54 -1.74
CA MET B 153 -32.73 15.19 -1.40
C MET B 153 -33.86 14.17 -1.43
N LYS B 154 -33.57 12.97 -1.90
CA LYS B 154 -34.54 11.90 -1.98
C LYS B 154 -33.91 10.60 -1.49
N TRP B 155 -34.64 9.85 -0.67
CA TRP B 155 -34.12 8.59 -0.17
C TRP B 155 -35.24 7.59 0.09
N GLY B 156 -34.88 6.33 0.26
CA GLY B 156 -35.86 5.30 0.52
C GLY B 156 -36.31 4.58 -0.74
N ASP B 157 -37.62 4.29 -0.83
CA ASP B 157 -38.17 3.59 -1.98
C ASP B 157 -38.15 4.54 -3.17
N LYS B 158 -37.50 4.13 -4.27
CA LYS B 158 -37.44 5.02 -5.42
C LYS B 158 -38.82 5.24 -6.05
N GLU B 159 -39.78 4.38 -5.72
CA GLU B 159 -41.14 4.50 -6.25
C GLU B 159 -41.94 5.54 -5.47
N ASN B 160 -41.80 5.51 -4.14
CA ASN B 160 -42.46 6.45 -3.25
C ASN B 160 -41.43 6.81 -2.17
N PRO B 161 -40.59 7.82 -2.44
CA PRO B 161 -39.55 8.25 -1.51
C PRO B 161 -39.87 9.42 -0.62
N LYS B 162 -39.01 9.63 0.37
CA LYS B 162 -39.15 10.76 1.27
C LYS B 162 -38.28 11.85 0.65
N GLU B 163 -38.59 13.10 0.93
CA GLU B 163 -37.82 14.19 0.35
C GLU B 163 -37.46 15.26 1.34
N ALA B 164 -36.50 16.09 0.98
CA ALA B 164 -36.06 17.16 1.84
C ALA B 164 -35.38 18.23 0.99
N LEU B 165 -35.73 19.47 1.26
CA LEU B 165 -35.16 20.61 0.57
C LEU B 165 -34.11 21.09 1.56
N LEU B 166 -32.84 21.01 1.17
CA LEU B 166 -31.74 21.38 2.04
C LEU B 166 -31.02 22.67 1.69
N PRO B 167 -31.05 23.65 2.61
CA PRO B 167 -30.38 24.93 2.36
C PRO B 167 -28.87 24.83 2.53
N THR B 168 -28.14 25.80 1.98
CA THR B 168 -26.70 25.80 2.11
C THR B 168 -26.36 25.72 3.59
N GLY B 169 -25.40 24.87 3.94
CA GLY B 169 -25.02 24.75 5.32
C GLY B 169 -25.68 23.60 6.05
N ALA B 170 -26.66 22.98 5.41
CA ALA B 170 -27.34 21.86 6.04
C ALA B 170 -26.38 20.67 6.05
N SER B 171 -26.61 19.70 6.93
CA SER B 171 -25.77 18.52 6.99
C SER B 171 -26.68 17.33 7.20
N MET B 172 -26.33 16.18 6.62
CA MET B 172 -27.15 15.00 6.76
C MET B 172 -26.35 13.71 6.87
N PHE B 173 -27.04 12.65 7.27
CA PHE B 173 -26.43 11.34 7.42
C PHE B 173 -27.33 10.30 6.75
N VAL B 174 -26.72 9.44 5.95
CA VAL B 174 -27.46 8.39 5.25
C VAL B 174 -26.84 7.07 5.64
N GLU B 175 -27.61 6.23 6.31
CA GLU B 175 -27.11 4.92 6.73
C GLU B 175 -26.82 4.05 5.50
N GLU B 176 -25.98 3.04 5.67
CA GLU B 176 -25.64 2.18 4.54
C GLU B 176 -26.83 1.42 3.98
N HIS B 177 -26.79 1.21 2.67
CA HIS B 177 -27.83 0.50 1.94
C HIS B 177 -29.14 1.26 1.81
N VAL B 178 -29.15 2.53 2.24
CA VAL B 178 -30.33 3.35 2.05
C VAL B 178 -30.18 4.02 0.69
N PRO B 179 -31.08 3.72 -0.25
CA PRO B 179 -30.98 4.34 -1.57
C PRO B 179 -31.32 5.82 -1.50
N HIS B 180 -30.54 6.64 -2.20
CA HIS B 180 -30.75 8.09 -2.17
C HIS B 180 -30.48 8.73 -3.53
N ALA B 181 -30.91 9.98 -3.68
CA ALA B 181 -30.70 10.72 -4.92
C ALA B 181 -30.74 12.21 -4.64
N PHE B 182 -29.97 12.98 -5.40
CA PHE B 182 -29.93 14.43 -5.23
C PHE B 182 -30.01 15.18 -6.56
N THR B 183 -30.50 16.40 -6.50
CA THR B 183 -30.56 17.30 -7.65
C THR B 183 -30.53 18.65 -6.98
N ALA B 184 -30.33 19.70 -7.75
CA ALA B 184 -30.34 21.04 -7.16
C ALA B 184 -31.82 21.36 -7.00
N ALA B 185 -32.15 22.33 -6.16
CA ALA B 185 -33.55 22.69 -5.96
C ALA B 185 -34.18 23.04 -7.31
N LYS B 186 -35.47 22.73 -7.46
CA LYS B 186 -36.21 22.99 -8.70
C LYS B 186 -35.87 24.34 -9.36
N GLY B 187 -35.32 24.26 -10.56
CA GLY B 187 -34.98 25.46 -11.31
C GLY B 187 -33.81 26.32 -10.88
N THR B 188 -33.19 26.02 -9.75
CA THR B 188 -32.07 26.82 -9.25
C THR B 188 -30.75 26.53 -9.99
N GLY B 189 -30.83 25.76 -11.07
CA GLY B 189 -29.64 25.46 -11.85
C GLY B 189 -28.74 24.36 -11.33
N SER B 190 -27.92 24.68 -10.33
CA SER B 190 -27.01 23.68 -9.80
C SER B 190 -26.70 23.92 -8.33
N ALA B 191 -26.13 22.89 -7.70
CA ALA B 191 -25.77 22.97 -6.31
C ALA B 191 -24.50 22.17 -6.10
N LYS B 192 -23.91 22.28 -4.92
CA LYS B 192 -22.67 21.58 -4.63
C LYS B 192 -22.62 21.08 -3.20
N LEU B 193 -22.19 19.85 -3.00
CA LEU B 193 -22.12 19.34 -1.65
C LEU B 193 -20.87 18.50 -1.38
N ILE B 194 -20.56 18.31 -0.09
CA ILE B 194 -19.43 17.51 0.32
C ILE B 194 -20.02 16.20 0.78
N ALA B 195 -19.48 15.10 0.27
CA ALA B 195 -19.97 13.78 0.64
C ALA B 195 -18.83 12.97 1.19
N VAL B 196 -18.97 12.52 2.44
CA VAL B 196 -17.92 11.73 3.04
C VAL B 196 -18.40 10.32 3.37
N ASN B 197 -17.92 9.34 2.62
CA ASN B 197 -18.28 7.96 2.87
C ASN B 197 -17.21 7.41 3.79
N PHE B 198 -17.63 6.71 4.84
CA PHE B 198 -16.66 6.18 5.78
C PHE B 198 -17.11 4.82 6.32
N LYS C 5 25.10 7.13 3.79
CA LYS C 5 25.44 7.38 5.22
C LYS C 5 24.71 8.64 5.70
N THR C 6 24.40 8.72 7.01
CA THR C 6 23.75 9.92 7.52
C THR C 6 24.65 11.12 7.26
N ALA C 7 24.08 12.31 7.39
CA ALA C 7 24.86 13.52 7.17
C ALA C 7 25.96 13.57 8.24
N SER C 8 25.58 13.21 9.46
CA SER C 8 26.47 13.22 10.61
C SER C 8 27.66 12.30 10.47
N THR C 9 27.41 11.05 10.11
CA THR C 9 28.47 10.07 9.98
C THR C 9 29.36 10.33 8.78
N GLY C 10 28.74 10.75 7.68
CA GLY C 10 29.49 11.05 6.48
C GLY C 10 30.42 12.22 6.75
N PHE C 11 29.88 13.24 7.42
CA PHE C 11 30.66 14.42 7.78
C PHE C 11 31.78 14.02 8.71
N ALA C 12 31.46 13.21 9.70
CA ALA C 12 32.47 12.76 10.66
C ALA C 12 33.67 12.11 10.00
N GLU C 13 33.43 11.24 9.02
CA GLU C 13 34.52 10.55 8.35
C GLU C 13 35.30 11.43 7.37
N LEU C 14 34.58 12.29 6.66
CA LEU C 14 35.18 13.18 5.68
C LEU C 14 35.94 14.33 6.33
N LEU C 15 35.45 14.82 7.45
CA LEU C 15 36.13 15.90 8.17
C LEU C 15 37.49 15.39 8.61
N LYS C 16 37.50 14.20 9.22
CA LYS C 16 38.72 13.58 9.68
C LYS C 16 39.66 13.38 8.50
N ASP C 17 39.14 12.89 7.39
CA ASP C 17 39.98 12.67 6.20
C ASP C 17 40.66 13.98 5.81
N ARG C 18 39.86 15.03 5.63
CA ARG C 18 40.39 16.32 5.24
C ARG C 18 41.35 16.91 6.26
N ARG C 19 41.00 16.87 7.55
CA ARG C 19 41.89 17.41 8.58
C ARG C 19 43.27 16.76 8.48
N GLU C 20 43.28 15.45 8.29
CA GLU C 20 44.53 14.71 8.17
C GLU C 20 45.28 15.04 6.89
N GLN C 21 44.60 15.27 5.78
CA GLN C 21 45.37 15.57 4.59
C GLN C 21 46.00 16.97 4.56
N VAL C 22 45.56 17.86 5.43
CA VAL C 22 46.17 19.19 5.50
C VAL C 22 47.07 19.27 6.74
N LYS C 23 47.33 18.09 7.30
CA LYS C 23 48.19 17.89 8.45
C LYS C 23 47.84 18.51 9.78
N MET C 24 46.59 18.94 9.96
CA MET C 24 46.19 19.54 11.23
C MET C 24 45.75 18.47 12.22
N ASP C 25 45.83 18.78 13.51
CA ASP C 25 45.37 17.86 14.55
C ASP C 25 44.16 18.55 15.16
N HIS C 26 43.46 17.90 16.07
CA HIS C 26 42.29 18.51 16.69
C HIS C 26 42.58 19.90 17.25
N ALA C 27 43.74 20.03 17.88
CA ALA C 27 44.17 21.30 18.47
C ALA C 27 44.31 22.39 17.41
N ALA C 28 45.04 22.07 16.35
CA ALA C 28 45.28 23.01 15.26
C ALA C 28 43.97 23.49 14.63
N LEU C 29 43.11 22.54 14.28
CA LEU C 29 41.83 22.88 13.68
C LEU C 29 40.96 23.65 14.66
N ALA C 30 40.85 23.14 15.90
CA ALA C 30 40.04 23.80 16.91
C ALA C 30 40.43 25.28 17.07
N SER C 31 41.72 25.56 16.92
CA SER C 31 42.23 26.93 17.06
C SER C 31 41.75 27.86 15.96
N LEU C 32 41.84 27.42 14.71
CA LEU C 32 41.41 28.25 13.61
C LEU C 32 39.91 28.51 13.64
N LEU C 33 39.17 27.65 14.33
CA LEU C 33 37.71 27.81 14.38
C LEU C 33 37.23 28.49 15.64
N GLY C 34 38.09 28.58 16.65
CA GLY C 34 37.68 29.20 17.89
C GLY C 34 36.78 28.22 18.65
N GLU C 35 37.20 26.97 18.65
CA GLU C 35 36.48 25.90 19.32
C GLU C 35 37.49 25.14 20.19
N THR C 36 37.01 24.18 20.96
CA THR C 36 37.90 23.40 21.81
C THR C 36 38.23 22.10 21.08
N PRO C 37 39.42 21.54 21.34
CA PRO C 37 39.74 20.30 20.64
C PRO C 37 38.75 19.17 20.88
N GLU C 38 38.04 19.21 22.01
CA GLU C 38 37.06 18.17 22.32
C GLU C 38 35.86 18.32 21.39
N THR C 39 35.46 19.56 21.12
CA THR C 39 34.35 19.85 20.23
C THR C 39 34.65 19.21 18.87
N VAL C 40 35.80 19.55 18.30
CA VAL C 40 36.19 19.00 17.01
C VAL C 40 36.15 17.48 17.07
N ALA C 41 36.72 16.90 18.13
CA ALA C 41 36.73 15.44 18.24
C ALA C 41 35.30 14.89 18.28
N ALA C 42 34.38 15.68 18.82
CA ALA C 42 32.98 15.26 18.90
C ALA C 42 32.40 15.15 17.49
N TRP C 43 32.68 16.16 16.66
CA TRP C 43 32.20 16.16 15.28
C TRP C 43 32.69 14.89 14.58
N GLU C 44 33.98 14.62 14.72
CA GLU C 44 34.58 13.44 14.10
C GLU C 44 34.04 12.14 14.69
N ASN C 45 33.18 12.25 15.70
CA ASN C 45 32.58 11.09 16.31
C ASN C 45 31.08 11.07 16.05
N GLY C 46 30.66 11.73 14.97
CA GLY C 46 29.25 11.76 14.59
C GLY C 46 28.32 12.73 15.31
N GLU C 47 28.87 13.62 16.11
CA GLU C 47 28.03 14.56 16.85
C GLU C 47 27.89 15.92 16.18
N GLY C 48 28.07 15.98 14.86
CA GLY C 48 27.99 17.24 14.17
C GLY C 48 26.61 17.59 13.61
N GLY C 49 25.66 16.69 13.79
CA GLY C 49 24.32 16.89 13.27
C GLY C 49 23.67 18.26 13.41
N GLU C 50 23.91 18.96 14.51
CA GLU C 50 23.28 20.27 14.70
C GLU C 50 24.10 21.46 14.23
N LEU C 51 25.20 21.20 13.51
CA LEU C 51 26.01 22.28 12.98
C LEU C 51 25.19 23.02 11.92
N THR C 52 25.23 24.34 11.94
CA THR C 52 24.46 25.10 10.97
C THR C 52 25.17 25.23 9.63
N LEU C 53 24.40 25.55 8.59
CA LEU C 53 24.94 25.72 7.24
C LEU C 53 26.11 26.70 7.27
N THR C 54 25.92 27.80 7.99
CA THR C 54 26.94 28.83 8.09
C THR C 54 28.19 28.33 8.81
N GLN C 55 28.02 27.52 9.85
CA GLN C 55 29.15 26.98 10.58
C GLN C 55 29.89 26.00 9.67
N LEU C 56 29.14 25.20 8.90
CA LEU C 56 29.75 24.26 7.97
C LEU C 56 30.55 25.07 6.96
N GLY C 57 30.06 26.25 6.62
CA GLY C 57 30.75 27.11 5.69
C GLY C 57 32.12 27.52 6.23
N ARG C 58 32.19 27.85 7.52
CA ARG C 58 33.45 28.22 8.15
C ARG C 58 34.44 27.06 8.18
N ILE C 59 33.98 25.89 8.60
CA ILE C 59 34.82 24.72 8.68
C ILE C 59 35.40 24.41 7.31
N ALA C 60 34.58 24.50 6.27
CA ALA C 60 35.07 24.23 4.92
C ALA C 60 36.16 25.24 4.56
N HIS C 61 35.87 26.50 4.83
CA HIS C 61 36.79 27.59 4.54
C HIS C 61 38.16 27.42 5.20
N VAL C 62 38.15 27.11 6.50
CA VAL C 62 39.37 26.90 7.24
C VAL C 62 40.14 25.72 6.65
N LEU C 63 39.42 24.71 6.20
CA LEU C 63 40.06 23.54 5.59
C LEU C 63 40.27 23.75 4.10
N GLY C 64 40.14 25.01 3.66
CA GLY C 64 40.34 25.39 2.27
C GLY C 64 39.69 24.51 1.24
N THR C 65 38.45 24.12 1.49
CA THR C 65 37.71 23.26 0.58
C THR C 65 36.24 23.65 0.58
N SER C 66 35.38 22.78 0.06
CA SER C 66 33.94 23.07 0.01
C SER C 66 33.16 22.22 1.00
N ILE C 67 31.91 22.62 1.26
CA ILE C 67 31.05 21.88 2.17
C ILE C 67 30.79 20.51 1.54
N GLY C 68 30.62 20.51 0.21
CA GLY C 68 30.37 19.29 -0.53
C GLY C 68 31.48 18.28 -0.29
N ALA C 69 32.72 18.76 -0.28
CA ALA C 69 33.87 17.89 -0.05
C ALA C 69 33.84 17.24 1.34
N LEU C 70 33.12 17.84 2.27
CA LEU C 70 33.05 17.32 3.64
C LEU C 70 31.75 16.57 3.94
N THR C 71 30.87 16.46 2.94
CA THR C 71 29.60 15.76 3.13
C THR C 71 29.52 14.54 2.23
N PRO C 72 28.82 13.49 2.69
CA PRO C 72 28.67 12.24 1.92
C PRO C 72 27.91 12.39 0.62
N PRO C 73 28.11 11.44 -0.30
CA PRO C 73 27.41 11.46 -1.60
C PRO C 73 25.89 11.21 -1.42
N ALA C 74 25.12 11.55 -2.44
CA ALA C 74 23.67 11.42 -2.43
C ALA C 74 23.10 10.19 -1.71
N GLY C 75 23.72 9.03 -1.89
CA GLY C 75 23.22 7.85 -1.23
C GLY C 75 22.79 6.82 -2.25
N ASN C 76 22.40 5.63 -1.79
CA ASN C 76 22.00 4.60 -2.74
C ASN C 76 20.60 4.07 -2.49
N ASP C 77 19.70 4.27 -3.44
CA ASP C 77 18.32 3.81 -3.29
C ASP C 77 17.95 2.69 -4.24
N LEU C 78 18.94 2.00 -4.78
CA LEU C 78 18.66 0.93 -5.73
C LEU C 78 18.38 -0.41 -5.08
N ASP C 79 17.70 -1.28 -5.84
CA ASP C 79 17.34 -2.62 -5.39
C ASP C 79 18.16 -3.55 -6.28
N ASP C 80 19.41 -3.75 -5.91
CA ASP C 80 20.32 -4.58 -6.68
C ASP C 80 20.66 -3.92 -7.99
N GLY C 81 20.86 -2.61 -7.94
CA GLY C 81 21.21 -1.82 -9.12
C GLY C 81 20.05 -1.33 -9.95
N VAL C 82 18.83 -1.61 -9.51
CA VAL C 82 17.64 -1.21 -10.24
C VAL C 82 16.62 -0.51 -9.35
N ILE C 83 15.78 0.30 -9.96
CA ILE C 83 14.72 0.98 -9.24
C ILE C 83 13.60 1.16 -10.25
N ILE C 84 12.39 0.78 -9.84
CA ILE C 84 11.22 0.84 -10.71
C ILE C 84 10.13 1.78 -10.23
N GLN C 85 9.38 2.34 -11.17
CA GLN C 85 8.28 3.23 -10.84
C GLN C 85 7.04 2.83 -11.63
N MET C 86 5.95 2.53 -10.92
CA MET C 86 4.68 2.18 -11.56
C MET C 86 4.00 3.46 -12.04
N PRO C 87 3.31 3.40 -13.16
CA PRO C 87 2.61 4.57 -13.74
C PRO C 87 1.67 5.37 -12.86
N ASP C 88 1.23 4.81 -11.75
CA ASP C 88 0.30 5.52 -10.89
C ASP C 88 0.96 6.23 -9.73
N GLU C 89 2.27 6.06 -9.57
CA GLU C 89 2.97 6.72 -8.48
C GLU C 89 3.81 7.88 -8.98
N ARG C 90 3.54 8.31 -10.21
CA ARG C 90 4.27 9.41 -10.81
C ARG C 90 3.80 10.76 -10.25
N PRO C 91 4.73 11.53 -9.67
CA PRO C 91 4.29 12.82 -9.15
C PRO C 91 3.87 13.75 -10.30
N ILE C 92 2.74 14.42 -10.15
CA ILE C 92 2.23 15.34 -11.17
C ILE C 92 2.48 16.79 -10.75
N LEU C 93 2.89 17.63 -11.70
CA LEU C 93 3.16 19.03 -11.38
C LEU C 93 2.74 19.92 -12.53
N LYS C 94 1.73 20.75 -12.30
CA LYS C 94 1.22 21.66 -13.32
C LYS C 94 2.28 22.72 -13.60
N GLY C 95 2.54 22.97 -14.88
CA GLY C 95 3.51 23.98 -15.25
C GLY C 95 2.80 25.24 -15.71
N VAL C 96 3.17 26.39 -15.15
CA VAL C 96 2.52 27.62 -15.52
C VAL C 96 3.49 28.71 -15.97
N ARG C 97 3.23 29.22 -17.18
CA ARG C 97 4.04 30.28 -17.77
C ARG C 97 3.10 31.39 -18.25
N ASP C 98 3.22 32.55 -17.63
CA ASP C 98 2.39 33.72 -17.94
C ASP C 98 0.93 33.46 -17.55
N ASN C 99 0.74 32.84 -16.39
CA ASN C 99 -0.58 32.52 -15.85
C ASN C 99 -1.40 31.59 -16.75
N VAL C 100 -0.71 30.67 -17.40
CA VAL C 100 -1.37 29.73 -18.30
C VAL C 100 -0.91 28.30 -18.02
N ASP C 101 -1.79 27.34 -18.28
CA ASP C 101 -1.47 25.92 -18.09
C ASP C 101 -0.67 25.54 -19.33
N TYR C 102 0.64 25.75 -19.27
CA TYR C 102 1.50 25.44 -20.40
C TYR C 102 1.81 23.95 -20.52
N TYR C 103 2.43 23.41 -19.48
CA TYR C 103 2.81 22.01 -19.46
C TYR C 103 2.18 21.29 -18.26
N VAL C 104 2.32 19.97 -18.26
CA VAL C 104 1.85 19.12 -17.16
C VAL C 104 2.97 18.09 -17.06
N TYR C 105 3.73 18.15 -15.96
CA TYR C 105 4.83 17.23 -15.79
C TYR C 105 4.52 15.97 -15.02
N ASN C 106 4.67 14.82 -15.67
CA ASN C 106 4.45 13.55 -15.03
C ASN C 106 5.86 13.01 -14.82
N CYS C 107 6.33 13.07 -13.58
CA CYS C 107 7.69 12.64 -13.27
C CYS C 107 7.92 11.15 -13.18
N LEU C 108 8.89 10.68 -13.97
CA LEU C 108 9.24 9.27 -13.99
C LEU C 108 10.32 8.95 -12.93
N VAL C 109 10.77 7.71 -12.94
CA VAL C 109 11.77 7.24 -11.97
C VAL C 109 13.02 8.09 -11.87
N ARG C 110 13.50 8.27 -10.64
CA ARG C 110 14.73 9.03 -10.35
C ARG C 110 15.54 8.24 -9.32
N THR C 111 16.84 8.46 -9.31
CA THR C 111 17.70 7.75 -8.38
C THR C 111 18.85 8.60 -7.87
N LYS C 112 19.21 8.42 -6.61
CA LYS C 112 20.30 9.19 -6.01
C LYS C 112 21.66 8.76 -6.54
N ARG C 113 21.69 7.75 -7.40
CA ARG C 113 22.93 7.27 -7.99
C ARG C 113 23.19 7.93 -9.33
N ALA C 114 22.32 8.87 -9.70
CA ALA C 114 22.41 9.64 -10.95
C ALA C 114 21.43 10.81 -10.79
N PRO C 115 21.74 11.73 -9.86
CA PRO C 115 20.92 12.90 -9.54
C PRO C 115 20.53 13.77 -10.71
N SER C 116 21.38 13.80 -11.74
CA SER C 116 21.12 14.65 -12.89
C SER C 116 20.06 14.06 -13.80
N LEU C 117 19.72 12.80 -13.60
CA LEU C 117 18.71 12.14 -14.44
C LEU C 117 17.30 12.53 -14.01
N VAL C 118 16.64 13.32 -14.84
CA VAL C 118 15.26 13.75 -14.55
C VAL C 118 14.38 13.49 -15.78
N PRO C 119 13.77 12.30 -15.85
CA PRO C 119 12.89 11.89 -16.96
C PRO C 119 11.43 12.30 -16.73
N LEU C 120 10.79 12.83 -17.76
CA LEU C 120 9.41 13.29 -17.63
C LEU C 120 8.52 12.97 -18.82
N VAL C 121 7.23 12.79 -18.55
CA VAL C 121 6.29 12.64 -19.66
C VAL C 121 5.64 14.00 -19.55
N VAL C 122 5.71 14.79 -20.62
CA VAL C 122 5.15 16.13 -20.57
C VAL C 122 3.93 16.35 -21.45
N ASP C 123 2.82 16.73 -20.83
CA ASP C 123 1.62 17.03 -21.60
C ASP C 123 1.78 18.47 -22.05
N VAL C 124 1.75 18.69 -23.36
CA VAL C 124 1.86 20.03 -23.93
C VAL C 124 0.42 20.49 -24.16
N LEU C 125 -0.04 21.39 -23.30
CA LEU C 125 -1.41 21.89 -23.32
C LEU C 125 -1.79 22.91 -24.40
N THR C 126 -0.95 23.92 -24.64
CA THR C 126 -1.28 24.92 -25.65
C THR C 126 -0.95 24.44 -27.06
N ASP C 127 -1.63 25.01 -28.05
CA ASP C 127 -1.41 24.64 -29.44
C ASP C 127 -1.35 25.87 -30.34
N ASN C 128 -0.83 26.96 -29.79
CA ASN C 128 -0.66 28.18 -30.54
C ASN C 128 0.81 28.59 -30.46
N PRO C 129 1.59 28.23 -31.50
CA PRO C 129 3.02 28.55 -31.57
C PRO C 129 3.34 30.00 -31.28
N ASP C 130 2.54 30.90 -31.82
CA ASP C 130 2.72 32.34 -31.62
C ASP C 130 2.73 32.72 -30.14
N ASP C 131 2.23 31.83 -29.30
CA ASP C 131 2.18 32.10 -27.87
C ASP C 131 3.14 31.20 -27.10
N ALA C 132 4.18 30.74 -27.79
CA ALA C 132 5.16 29.86 -27.18
C ALA C 132 5.88 30.60 -26.04
N LYS C 133 6.07 29.92 -24.93
CA LYS C 133 6.73 30.51 -23.77
C LYS C 133 8.09 29.83 -23.54
N PHE C 134 9.15 30.60 -23.74
CA PHE C 134 10.52 30.11 -23.60
C PHE C 134 11.04 30.00 -22.18
N ASN C 135 11.87 28.99 -21.94
CA ASN C 135 12.52 28.85 -20.66
C ASN C 135 13.83 29.54 -21.04
N SER C 136 14.70 29.81 -20.08
CA SER C 136 15.95 30.50 -20.40
C SER C 136 17.12 29.54 -20.57
N GLY C 137 16.84 28.32 -21.01
CA GLY C 137 17.89 27.34 -21.17
C GLY C 137 18.23 26.83 -19.78
N HIS C 138 18.75 25.61 -19.69
CA HIS C 138 19.10 25.06 -18.38
C HIS C 138 20.31 24.13 -18.43
N ALA C 139 20.89 23.89 -17.27
CA ALA C 139 22.04 23.02 -17.16
C ALA C 139 21.67 21.60 -17.54
N GLY C 140 22.63 20.87 -18.10
CA GLY C 140 22.37 19.50 -18.51
C GLY C 140 21.73 19.39 -19.87
N ASN C 141 22.12 18.35 -20.62
CA ASN C 141 21.57 18.12 -21.94
C ASN C 141 20.19 17.49 -21.75
N GLU C 142 19.39 17.49 -22.81
CA GLU C 142 18.06 16.93 -22.72
C GLU C 142 17.69 16.18 -23.99
N PHE C 143 17.12 15.00 -23.79
CA PHE C 143 16.69 14.15 -24.88
C PHE C 143 15.15 14.20 -24.92
N LEU C 144 14.59 14.38 -26.11
CA LEU C 144 13.14 14.45 -26.26
C LEU C 144 12.65 13.43 -27.28
N PHE C 145 11.43 12.97 -27.09
CA PHE C 145 10.81 12.01 -27.99
C PHE C 145 9.32 12.38 -28.03
N VAL C 146 8.78 12.57 -29.21
CA VAL C 146 7.38 12.92 -29.33
C VAL C 146 6.52 11.67 -29.15
N LEU C 147 5.75 11.62 -28.06
CA LEU C 147 4.90 10.47 -27.79
C LEU C 147 3.57 10.50 -28.51
N GLU C 148 2.94 11.67 -28.51
CA GLU C 148 1.65 11.83 -29.17
C GLU C 148 1.58 13.14 -29.95
N GLY C 149 0.80 13.13 -31.01
CA GLY C 149 0.56 14.34 -31.80
C GLY C 149 1.76 14.97 -32.48
N GLU C 150 1.66 16.26 -32.74
CA GLU C 150 2.71 17.03 -33.38
C GLU C 150 3.16 18.15 -32.47
N ILE C 151 4.47 18.31 -32.37
CA ILE C 151 5.02 19.35 -31.54
C ILE C 151 5.62 20.44 -32.42
N HIS C 152 5.48 21.68 -32.00
CA HIS C 152 6.07 22.79 -32.71
C HIS C 152 7.19 23.19 -31.77
N MET C 153 8.43 22.92 -32.17
CA MET C 153 9.58 23.22 -31.33
C MET C 153 10.26 24.53 -31.67
N LYS C 154 10.72 25.24 -30.65
CA LYS C 154 11.41 26.52 -30.82
C LYS C 154 12.62 26.57 -29.90
N TRP C 155 13.74 27.03 -30.43
CA TRP C 155 14.96 27.13 -29.64
C TRP C 155 15.83 28.27 -30.10
N GLY C 156 16.81 28.64 -29.27
CA GLY C 156 17.71 29.72 -29.62
C GLY C 156 17.29 31.06 -29.06
N ASP C 157 17.43 32.12 -29.86
CA ASP C 157 17.05 33.46 -29.44
C ASP C 157 15.53 33.55 -29.38
N LYS C 158 14.99 33.91 -28.22
CA LYS C 158 13.54 33.98 -28.11
C LYS C 158 12.95 35.09 -28.99
N GLU C 159 13.79 36.02 -29.42
CA GLU C 159 13.34 37.12 -30.28
C GLU C 159 13.24 36.67 -31.74
N ASN C 160 14.24 35.90 -32.19
CA ASN C 160 14.28 35.36 -33.54
C ASN C 160 14.81 33.93 -33.40
N PRO C 161 13.91 32.96 -33.16
CA PRO C 161 14.29 31.57 -32.98
C PRO C 161 14.17 30.67 -34.20
N LYS C 162 14.75 29.47 -34.08
CA LYS C 162 14.67 28.48 -35.13
C LYS C 162 13.45 27.64 -34.74
N GLU C 163 12.83 27.00 -35.71
CA GLU C 163 11.65 26.20 -35.43
C GLU C 163 11.66 24.86 -36.12
N ALA C 164 10.81 23.97 -35.64
CA ALA C 164 10.71 22.65 -36.22
C ALA C 164 9.36 22.05 -35.87
N LEU C 165 8.71 21.47 -36.88
CA LEU C 165 7.43 20.83 -36.70
C LEU C 165 7.83 19.36 -36.58
N LEU C 166 7.57 18.76 -35.41
CA LEU C 166 7.95 17.39 -35.15
C LEU C 166 6.80 16.39 -35.10
N PRO C 167 6.82 15.39 -36.00
CA PRO C 167 5.76 14.38 -36.01
C PRO C 167 5.92 13.35 -34.89
N THR C 168 4.87 12.63 -34.59
CA THR C 168 4.93 11.61 -33.56
C THR C 168 6.08 10.66 -33.90
N GLY C 169 6.89 10.33 -32.91
CA GLY C 169 7.99 9.42 -33.16
C GLY C 169 9.30 10.11 -33.40
N ALA C 170 9.28 11.42 -33.56
CA ALA C 170 10.51 12.16 -33.79
C ALA C 170 11.29 12.19 -32.47
N SER C 171 12.59 12.42 -32.55
CA SER C 171 13.42 12.48 -31.36
C SER C 171 14.40 13.63 -31.55
N MET C 172 14.73 14.32 -30.46
CA MET C 172 15.64 15.45 -30.55
C MET C 172 16.57 15.57 -29.36
N PHE C 173 17.61 16.40 -29.52
CA PHE C 173 18.59 16.64 -28.47
C PHE C 173 18.79 18.14 -28.35
N VAL C 174 18.78 18.64 -27.12
CA VAL C 174 18.97 20.05 -26.86
C VAL C 174 20.14 20.17 -25.90
N GLU C 175 21.22 20.79 -26.36
CA GLU C 175 22.41 20.97 -25.51
C GLU C 175 22.07 21.89 -24.33
N GLU C 176 22.86 21.80 -23.28
CA GLU C 176 22.60 22.64 -22.11
C GLU C 176 22.71 24.13 -22.39
N HIS C 177 21.90 24.90 -21.68
CA HIS C 177 21.86 26.34 -21.80
C HIS C 177 21.24 26.85 -23.10
N VAL C 178 20.73 25.95 -23.93
CA VAL C 178 20.05 26.36 -25.15
C VAL C 178 18.61 26.60 -24.76
N PRO C 179 18.12 27.84 -24.89
CA PRO C 179 16.71 28.12 -24.54
C PRO C 179 15.79 27.48 -25.58
N HIS C 180 14.70 26.88 -25.09
CA HIS C 180 13.76 26.20 -25.97
C HIS C 180 12.31 26.38 -25.50
N ALA C 181 11.37 26.05 -26.39
CA ALA C 181 9.94 26.15 -26.07
C ALA C 181 9.15 25.22 -26.96
N PHE C 182 8.05 24.68 -26.43
CA PHE C 182 7.21 23.77 -27.20
C PHE C 182 5.73 24.10 -27.05
N THR C 183 4.96 23.71 -28.07
CA THR C 183 3.50 23.86 -28.04
C THR C 183 3.09 22.76 -28.98
N ALA C 184 1.79 22.43 -29.02
CA ALA C 184 1.34 21.40 -29.94
C ALA C 184 1.28 22.12 -31.29
N ALA C 185 1.25 21.36 -32.39
CA ALA C 185 1.18 21.98 -33.71
C ALA C 185 -0.06 22.88 -33.81
N LYS C 186 0.09 24.01 -34.49
CA LYS C 186 -0.99 24.98 -34.67
C LYS C 186 -2.40 24.38 -34.81
N GLY C 187 -3.25 24.66 -33.83
CA GLY C 187 -4.62 24.16 -33.85
C GLY C 187 -4.90 22.70 -33.58
N THR C 188 -3.85 21.87 -33.45
CA THR C 188 -4.05 20.45 -33.21
C THR C 188 -4.41 20.11 -31.75
N GLY C 189 -4.70 21.15 -30.97
CA GLY C 189 -5.11 20.93 -29.58
C GLY C 189 -4.00 20.68 -28.57
N SER C 190 -3.50 19.46 -28.55
CA SER C 190 -2.44 19.13 -27.60
C SER C 190 -1.52 18.04 -28.12
N ALA C 191 -0.39 17.89 -27.46
CA ALA C 191 0.60 16.91 -27.82
C ALA C 191 1.26 16.41 -26.55
N LYS C 192 2.05 15.35 -26.68
CA LYS C 192 2.71 14.77 -25.53
C LYS C 192 4.11 14.28 -25.86
N LEU C 193 5.07 14.57 -25.00
CA LEU C 193 6.41 14.10 -25.27
C LEU C 193 7.16 13.59 -24.05
N ILE C 194 8.22 12.84 -24.29
CA ILE C 194 9.05 12.31 -23.21
C ILE C 194 10.29 13.18 -23.20
N ALA C 195 10.64 13.69 -22.03
CA ALA C 195 11.81 14.55 -21.90
C ALA C 195 12.72 13.94 -20.88
N VAL C 196 13.96 13.65 -21.29
CA VAL C 196 14.91 13.10 -20.37
C VAL C 196 16.11 14.02 -20.18
N ASN C 197 16.21 14.62 -19.00
CA ASN C 197 17.34 15.50 -18.69
C ASN C 197 18.37 14.61 -18.02
N PHE C 198 19.62 14.73 -18.43
CA PHE C 198 20.65 13.91 -17.84
C PHE C 198 21.97 14.67 -17.75
FE FE2 D . -0.27 -22.45 22.48
C1 FFQ E . 0.03 -26.72 22.72
O1 FFQ E . -0.25 -24.40 23.34
P1 FFQ E . 1.41 -24.69 21.25
C2 FFQ E . 0.68 -25.34 22.85
O2 FFQ E . 1.35 -25.73 20.18
C3 FFQ E . -0.55 -27.24 24.04
O3 FFQ E . 0.62 -23.36 20.78
O4 FFQ E . 2.93 -24.28 21.54
C1 GOL F . -8.95 -39.10 22.01
O1 GOL F . -10.31 -38.86 22.32
C2 GOL F . -8.79 -40.51 21.45
O2 GOL F . -10.07 -41.04 21.15
C3 GOL F . -7.93 -40.48 20.21
O3 GOL F . -8.29 -41.54 19.36
C1 GOL G . -12.99 -15.96 14.28
O1 GOL G . -14.38 -15.78 14.21
C2 GOL G . -12.47 -16.42 12.92
O2 GOL G . -12.65 -17.80 12.79
C3 GOL G . -10.99 -16.08 12.81
O3 GOL G . -10.82 -14.68 12.71
FE FE2 H . -24.09 8.01 -1.66
C1 FFQ I . -23.17 11.44 -4.44
O1 FFQ I . -23.99 10.20 -2.55
P1 FFQ I . -23.68 8.66 -4.74
C2 FFQ I . -24.07 10.32 -3.96
O2 FFQ I . -25.01 8.08 -5.38
C3 FFQ I . -23.52 12.79 -3.81
O3 FFQ I . -22.64 8.79 -5.78
O4 FFQ I . -23.18 7.64 -3.59
C1 GOL J . -11.92 25.88 -4.26
O1 GOL J . -10.97 25.16 -5.02
C2 GOL J . -13.18 25.04 -4.11
O2 GOL J . -13.67 24.70 -5.39
C3 GOL J . -12.86 23.77 -3.33
O3 GOL J . -14.05 23.03 -3.14
FE FE2 K . 14.07 21.52 -21.02
C1 FFQ L . 9.90 20.34 -21.13
O1 FFQ L . 12.14 20.78 -21.97
P1 FFQ L . 11.51 22.35 -19.85
C2 FFQ L . 11.00 21.39 -21.38
O2 FFQ L . 12.98 22.19 -19.58
C3 FFQ L . 9.49 19.57 -22.39
O3 FFQ L . 11.15 23.89 -20.10
O4 FFQ L . 10.67 21.82 -18.59
C1 GOL M . -0.15 7.65 -21.95
O1 GOL M . -0.21 8.96 -22.55
C2 GOL M . 1.20 7.47 -21.23
O2 GOL M . 1.32 8.46 -20.17
C3 GOL M . 1.25 6.07 -20.62
O3 GOL M . 2.53 5.91 -19.98
#